data_3CL9
#
_entry.id   3CL9
#
_cell.length_a   121.050
_cell.length_b   121.050
_cell.length_c   260.760
_cell.angle_alpha   90.00
_cell.angle_beta   90.00
_cell.angle_gamma   90.00
#
_symmetry.space_group_name_H-M   'I 41 2 2'
#
loop_
_entity.id
_entity.type
_entity.pdbx_description
1 polymer 'Bifunctional dihydrofolate reductase-thymidylate synthase (DHFR-TS)'
2 non-polymer 'SULFATE ION'
3 non-polymer 'CHLORIDE ION'
4 non-polymer 'NADP NICOTINAMIDE-ADENINE-DINUCLEOTIDE PHOSPHATE'
5 non-polymer METHOTREXATE
6 non-polymer "2'-DEOXYURIDINE 5'-MONOPHOSPHATE"
7 non-polymer 1,2-ETHANEDIOL
8 water water
#
_entity_poly.entity_id   1
_entity_poly.type   'polypeptide(L)'
_entity_poly.pdbx_seq_one_letter_code
;MSLFKIRMPETVAEGTRLALRAFSLVVAVDERGGIGDGRSIPWNVPEDMKFFRDVTTKLRGKNVKPSPAKRNAVVMGRKT
WDSIPPKFRPLPGRLNVVLSSTLTTQHLLDGLPDEEKRNLHADSIVAVNGGLEQALQLLASPNYTPSIETVYCIGGGSVY
AEALRPPCVHLLQAIYRTTIRASESSCSVFFRVPESGTEAAAGIEWQRETISEELTSANGNETKYYFEKLIPRNREEEQY
LSLVDRIIREGNVKHDRTGVGTLSIFGAQMRFSLRNNRLPLLTTKRVFWRGVCEELLWFLRGETYAKKLSDKGVHIWDDN
GSRAFLDSRGLTEYEEMDLGPVYGFQWRHFGAAYTHHDANYDGQGVDQIKAIVETLKTNPDDRRMLFTAWNPSALPRMAL
PPCHLLAQFYVSNGELSCMLYQRSCDMGLGVPFNIASYALLTILIAKATGLRPGELVHTLGDAHVYSNHVEPCNEQLKRV
PRAFPYLVFRREREFLEDYEEGDMEVIDYAPYPPISMKMAV
;
_entity_poly.pdbx_strand_id   A
#
loop_
_chem_comp.id
_chem_comp.type
_chem_comp.name
_chem_comp.formula
CL non-polymer 'CHLORIDE ION' 'Cl -1'
EDO non-polymer 1,2-ETHANEDIOL 'C2 H6 O2'
MTX non-polymer METHOTREXATE 'C20 H22 N8 O5'
NAP non-polymer 'NADP NICOTINAMIDE-ADENINE-DINUCLEOTIDE PHOSPHATE' 'C21 H28 N7 O17 P3'
SO4 non-polymer 'SULFATE ION' 'O4 S -2'
UMP non-polymer '2'-DEOXYURIDINE 5'-MONOPHOSPHATE' 'C9 H13 N2 O8 P'
#
# COMPACT_ATOMS: atom_id res chain seq x y z
N SER A 2 -15.31 20.23 -22.24
CA SER A 2 -14.16 19.39 -22.71
C SER A 2 -12.83 20.17 -22.83
N LEU A 3 -11.97 20.04 -21.82
CA LEU A 3 -10.58 20.44 -21.95
C LEU A 3 -10.45 21.95 -22.15
N PHE A 4 -9.81 22.61 -21.20
CA PHE A 4 -10.32 22.66 -19.83
C PHE A 4 -9.63 21.62 -18.95
N LYS A 5 -9.71 20.36 -19.37
CA LYS A 5 -9.13 19.27 -18.61
C LYS A 5 -7.61 19.41 -18.49
N ILE A 6 -6.97 18.46 -17.83
CA ILE A 6 -5.53 18.44 -17.72
C ILE A 6 -5.03 17.29 -18.57
N ARG A 7 -4.15 17.60 -19.52
CA ARG A 7 -3.61 16.61 -20.45
C ARG A 7 -2.36 15.96 -19.89
N MET A 8 -2.35 14.63 -19.91
CA MET A 8 -1.22 13.84 -19.40
C MET A 8 0.00 13.93 -20.31
N PRO A 9 1.21 13.72 -19.74
CA PRO A 9 2.42 13.71 -20.55
C PRO A 9 2.59 12.43 -21.36
N GLU A 10 3.65 12.39 -22.16
CA GLU A 10 3.90 11.35 -23.17
C GLU A 10 4.41 10.05 -22.53
N THR A 11 5.69 10.01 -22.14
CA THR A 11 6.26 8.83 -21.48
C THR A 11 6.07 8.95 -19.97
N VAL A 12 6.49 7.90 -19.26
CA VAL A 12 6.56 7.91 -17.81
C VAL A 12 7.80 8.70 -17.35
N ALA A 13 7.70 9.27 -16.14
CA ALA A 13 8.76 10.09 -15.50
C ALA A 13 10.19 9.57 -15.65
N GLU A 14 11.15 10.49 -15.88
CA GLU A 14 12.56 10.15 -16.21
C GLU A 14 13.22 9.27 -15.14
N GLY A 15 13.84 8.17 -15.60
CA GLY A 15 14.36 7.11 -14.72
C GLY A 15 13.28 6.61 -13.77
N THR A 16 12.29 5.91 -14.31
CA THR A 16 11.04 5.64 -13.61
C THR A 16 10.91 4.20 -13.09
N ARG A 17 9.99 4.02 -12.13
CA ARG A 17 9.69 2.71 -11.53
C ARG A 17 8.92 1.79 -12.49
N LEU A 18 9.64 0.85 -13.11
CA LEU A 18 9.00 -0.21 -13.88
C LEU A 18 8.31 -1.10 -12.85
N ALA A 19 6.99 -1.02 -12.82
CA ALA A 19 6.16 -1.69 -11.81
C ALA A 19 6.68 -3.07 -11.37
N LEU A 20 6.95 -3.21 -10.07
CA LEU A 20 7.37 -4.48 -9.47
C LEU A 20 6.29 -5.03 -8.54
N ARG A 21 6.50 -6.26 -8.09
CA ARG A 21 5.64 -6.90 -7.08
C ARG A 21 6.43 -7.01 -5.78
N ALA A 22 5.76 -6.88 -4.65
CA ALA A 22 6.39 -7.18 -3.35
C ALA A 22 6.27 -8.68 -3.02
N PHE A 23 7.21 -9.20 -2.24
CA PHE A 23 7.25 -10.65 -1.96
C PHE A 23 7.52 -11.00 -0.50
N SER A 24 7.44 -12.29 -0.21
CA SER A 24 7.74 -12.85 1.10
C SER A 24 8.72 -14.02 0.92
N LEU A 25 9.53 -14.29 1.94
CA LEU A 25 10.57 -15.30 1.81
C LEU A 25 10.40 -16.43 2.81
N VAL A 26 10.47 -17.65 2.29
CA VAL A 26 10.40 -18.88 3.09
C VAL A 26 11.77 -19.53 3.03
N VAL A 27 12.32 -19.90 4.19
CA VAL A 27 13.66 -20.51 4.26
C VAL A 27 13.85 -21.35 5.52
N ALA A 28 14.66 -22.40 5.39
CA ALA A 28 15.10 -23.22 6.53
C ALA A 28 16.59 -23.07 6.70
N VAL A 29 17.04 -22.99 7.95
CA VAL A 29 18.45 -22.86 8.27
C VAL A 29 18.85 -23.77 9.44
N ASP A 30 20.12 -24.17 9.49
CA ASP A 30 20.72 -24.71 10.72
C ASP A 30 21.08 -23.54 11.63
N GLU A 31 21.54 -23.83 12.85
CA GLU A 31 21.86 -22.75 13.79
C GLU A 31 22.99 -21.82 13.31
N ARG A 32 23.91 -22.34 12.50
CA ARG A 32 24.96 -21.53 11.90
C ARG A 32 24.43 -20.61 10.79
N GLY A 33 23.25 -20.93 10.27
CA GLY A 33 22.63 -20.16 9.19
C GLY A 33 22.92 -20.71 7.81
N GLY A 34 23.07 -22.03 7.72
CA GLY A 34 23.39 -22.70 6.46
C GLY A 34 22.18 -23.36 5.84
N ILE A 35 22.15 -23.41 4.50
CA ILE A 35 20.94 -23.81 3.78
C ILE A 35 21.05 -25.08 2.91
N GLY A 36 22.25 -25.40 2.44
CA GLY A 36 22.44 -26.61 1.62
C GLY A 36 23.86 -26.80 1.12
N ASP A 37 24.45 -27.95 1.47
CA ASP A 37 25.85 -28.29 1.15
C ASP A 37 26.17 -28.33 -0.36
N GLY A 38 26.47 -27.16 -0.92
CA GLY A 38 26.60 -26.98 -2.37
C GLY A 38 25.23 -27.06 -3.02
N ARG A 39 24.99 -28.18 -3.70
CA ARG A 39 23.66 -28.52 -4.21
C ARG A 39 22.80 -29.10 -3.06
N SER A 40 21.48 -28.91 -3.16
CA SER A 40 20.46 -29.49 -2.23
C SER A 40 20.49 -29.02 -0.75
N ILE A 41 20.10 -29.93 0.15
CA ILE A 41 19.86 -29.67 1.58
C ILE A 41 20.38 -30.87 2.41
N PRO A 42 21.06 -30.61 3.55
CA PRO A 42 21.73 -31.66 4.34
C PRO A 42 20.84 -32.51 5.27
N TRP A 43 19.92 -31.86 5.99
CA TRP A 43 19.09 -32.46 7.03
C TRP A 43 17.73 -32.90 6.49
N ASN A 44 16.99 -33.68 7.27
CA ASN A 44 15.62 -34.09 6.90
C ASN A 44 14.58 -33.90 7.99
N VAL A 45 13.79 -32.85 7.85
CA VAL A 45 12.72 -32.54 8.80
C VAL A 45 11.39 -32.46 8.04
N PRO A 46 10.54 -33.48 8.20
CA PRO A 46 9.21 -33.57 7.58
C PRO A 46 8.23 -32.48 8.04
N GLU A 47 8.43 -31.94 9.22
CA GLU A 47 7.57 -30.90 9.76
C GLU A 47 7.79 -29.58 9.03
N ASP A 48 9.02 -29.32 8.63
CA ASP A 48 9.32 -28.15 7.82
C ASP A 48 8.54 -28.23 6.52
N MET A 49 8.55 -29.41 5.92
CA MET A 49 7.93 -29.62 4.62
C MET A 49 6.45 -29.26 4.69
N LYS A 50 5.76 -29.76 5.71
CA LYS A 50 4.36 -29.41 5.93
C LYS A 50 4.21 -27.91 6.13
N PHE A 51 5.00 -27.34 7.04
CA PHE A 51 4.96 -25.89 7.27
C PHE A 51 5.30 -25.10 6.02
N PHE A 52 6.15 -25.64 5.16
CA PHE A 52 6.45 -25.02 3.88
C PHE A 52 5.20 -25.04 3.03
N ARG A 53 4.67 -26.24 2.80
CA ARG A 53 3.45 -26.43 1.99
C ARG A 53 2.38 -25.39 2.36
N ASP A 54 2.10 -25.28 3.65
CA ASP A 54 0.97 -24.49 4.13
C ASP A 54 1.18 -23.00 4.00
N VAL A 55 2.40 -22.54 4.26
CA VAL A 55 2.70 -21.13 4.09
C VAL A 55 2.58 -20.74 2.61
N THR A 56 3.14 -21.58 1.75
CA THR A 56 3.20 -21.27 0.32
C THR A 56 1.85 -21.36 -0.37
N THR A 57 1.00 -22.27 0.10
CA THR A 57 -0.30 -22.50 -0.53
C THR A 57 -1.36 -21.50 -0.11
N LYS A 58 -1.59 -21.41 1.20
CA LYS A 58 -2.83 -20.83 1.74
C LYS A 58 -2.99 -19.34 1.56
N LEU A 59 -4.13 -18.98 0.98
CA LEU A 59 -4.53 -17.60 0.73
C LEU A 59 -5.09 -16.92 1.98
N ARG A 60 -5.28 -15.60 1.92
CA ARG A 60 -5.94 -14.87 3.00
C ARG A 60 -7.45 -15.11 2.98
N GLY A 61 -8.06 -15.06 4.17
CA GLY A 61 -9.51 -15.20 4.30
C GLY A 61 -10.00 -16.53 4.85
N LYS A 62 -11.18 -16.96 4.39
CA LYS A 62 -11.82 -18.22 4.79
C LYS A 62 -11.35 -19.41 3.93
N ASN A 63 -11.91 -20.59 4.17
CA ASN A 63 -11.53 -21.80 3.41
C ASN A 63 -11.79 -21.64 1.90
N VAL A 64 -10.93 -20.87 1.26
CA VAL A 64 -11.01 -20.56 -0.18
C VAL A 64 -9.93 -21.30 -0.98
N LYS A 65 -10.27 -22.48 -1.50
CA LYS A 65 -9.36 -23.27 -2.34
C LYS A 65 -8.82 -22.42 -3.49
N PRO A 66 -7.48 -22.37 -3.64
CA PRO A 66 -6.90 -21.50 -4.66
C PRO A 66 -6.99 -22.08 -6.07
N SER A 67 -7.97 -21.61 -6.84
CA SER A 67 -8.07 -21.98 -8.24
C SER A 67 -7.18 -21.03 -9.05
N PRO A 68 -6.80 -21.42 -10.30
CA PRO A 68 -6.01 -20.53 -11.17
C PRO A 68 -6.49 -19.07 -11.18
N ALA A 69 -7.79 -18.87 -10.96
CA ALA A 69 -8.45 -17.55 -10.98
C ALA A 69 -8.11 -16.64 -9.79
N LYS A 70 -7.77 -17.25 -8.65
CA LYS A 70 -7.23 -16.52 -7.49
C LYS A 70 -6.35 -17.46 -6.66
N ARG A 71 -5.02 -17.32 -6.81
CA ARG A 71 -4.07 -18.25 -6.16
C ARG A 71 -2.74 -17.61 -5.77
N ASN A 72 -1.86 -18.41 -5.15
CA ASN A 72 -0.53 -17.96 -4.71
C ASN A 72 0.59 -18.44 -5.61
N ALA A 73 1.71 -17.71 -5.62
CA ALA A 73 2.83 -18.05 -6.51
C ALA A 73 4.18 -18.17 -5.81
N VAL A 74 4.95 -19.19 -6.20
CA VAL A 74 6.28 -19.49 -5.65
C VAL A 74 7.36 -19.28 -6.68
N VAL A 75 8.42 -18.62 -6.27
CA VAL A 75 9.50 -18.30 -7.18
C VAL A 75 10.78 -19.02 -6.76
N MET A 76 11.34 -19.78 -7.69
CA MET A 76 12.55 -20.55 -7.44
C MET A 76 13.51 -20.47 -8.61
N GLY A 77 14.79 -20.67 -8.33
CA GLY A 77 15.79 -20.82 -9.38
C GLY A 77 15.66 -22.20 -9.97
N ARG A 78 16.43 -22.45 -11.02
CA ARG A 78 16.44 -23.73 -11.71
C ARG A 78 16.82 -24.92 -10.80
N LYS A 79 17.97 -24.84 -10.14
CA LYS A 79 18.50 -25.96 -9.33
C LYS A 79 17.51 -26.53 -8.30
N THR A 80 16.68 -25.64 -7.74
CA THR A 80 15.68 -26.03 -6.74
C THR A 80 14.53 -26.80 -7.39
N TRP A 81 14.05 -26.29 -8.53
CA TRP A 81 13.00 -26.93 -9.32
C TRP A 81 13.33 -28.38 -9.63
N ASP A 82 14.61 -28.63 -9.93
CA ASP A 82 15.12 -30.00 -10.05
C ASP A 82 14.98 -30.71 -8.72
N SER A 83 15.47 -30.06 -7.67
CA SER A 83 15.56 -30.65 -6.35
C SER A 83 14.23 -31.23 -5.87
N ILE A 84 13.12 -30.66 -6.32
CA ILE A 84 11.78 -31.15 -5.97
C ILE A 84 11.54 -32.54 -6.57
N PRO A 85 11.20 -33.54 -5.72
CA PRO A 85 10.86 -34.89 -6.23
C PRO A 85 9.62 -34.91 -7.15
N PRO A 86 9.74 -35.59 -8.32
CA PRO A 86 8.68 -35.67 -9.36
C PRO A 86 7.26 -36.00 -8.87
N LYS A 87 7.17 -36.65 -7.72
CA LYS A 87 5.89 -37.00 -7.07
C LYS A 87 5.14 -35.77 -6.54
N PHE A 88 5.86 -34.69 -6.30
CA PHE A 88 5.27 -33.42 -5.90
C PHE A 88 5.65 -32.29 -6.84
N ARG A 89 5.93 -32.63 -8.09
CA ARG A 89 6.28 -31.62 -9.08
C ARG A 89 5.29 -31.62 -10.23
N PRO A 90 4.69 -30.45 -10.53
CA PRO A 90 4.96 -29.16 -9.89
C PRO A 90 4.29 -29.05 -8.52
N LEU A 91 4.62 -28.01 -7.77
CA LEU A 91 4.03 -27.80 -6.46
C LEU A 91 2.54 -27.52 -6.61
N PRO A 92 1.68 -28.35 -5.98
CA PRO A 92 0.24 -28.24 -6.20
C PRO A 92 -0.38 -27.03 -5.50
N GLY A 93 -1.33 -26.40 -6.17
CA GLY A 93 -2.04 -25.25 -5.62
C GLY A 93 -1.35 -23.93 -5.90
N ARG A 94 -0.13 -23.99 -6.42
CA ARG A 94 0.70 -22.79 -6.59
C ARG A 94 1.28 -22.66 -7.99
N LEU A 95 1.63 -21.44 -8.37
CA LEU A 95 2.21 -21.16 -9.68
C LEU A 95 3.72 -21.27 -9.62
N ASN A 96 4.23 -22.46 -9.87
CA ASN A 96 5.66 -22.69 -9.92
C ASN A 96 6.31 -21.74 -10.93
N VAL A 97 7.16 -20.86 -10.44
CA VAL A 97 7.84 -19.88 -11.29
C VAL A 97 9.36 -20.06 -11.20
N VAL A 98 9.91 -20.73 -12.21
CA VAL A 98 11.34 -21.00 -12.26
C VAL A 98 12.02 -20.07 -13.24
N LEU A 99 12.97 -19.29 -12.75
CA LEU A 99 13.81 -18.47 -13.62
C LEU A 99 14.89 -19.33 -14.24
N SER A 100 15.15 -19.08 -15.51
CA SER A 100 16.17 -19.79 -16.26
C SER A 100 16.65 -18.99 -17.45
N SER A 101 17.89 -19.26 -17.86
CA SER A 101 18.40 -18.74 -19.12
C SER A 101 18.93 -19.88 -19.99
N THR A 102 18.60 -21.12 -19.59
CA THR A 102 18.82 -22.31 -20.44
C THR A 102 17.50 -23.00 -20.86
N LEU A 103 16.48 -22.95 -20.01
CA LEU A 103 15.20 -23.61 -20.28
C LEU A 103 14.01 -22.66 -20.34
N THR A 104 13.12 -22.88 -21.30
CA THR A 104 11.90 -22.09 -21.46
C THR A 104 10.68 -22.75 -20.82
N THR A 105 9.54 -22.06 -20.86
CA THR A 105 8.28 -22.53 -20.26
C THR A 105 7.92 -23.95 -20.74
N GLN A 106 7.95 -24.15 -22.06
CA GLN A 106 7.74 -25.48 -22.62
C GLN A 106 8.87 -26.42 -22.26
N HIS A 107 10.10 -25.89 -22.30
CA HIS A 107 11.33 -26.68 -22.15
C HIS A 107 11.37 -27.43 -20.81
N LEU A 108 10.52 -27.01 -19.88
CA LEU A 108 10.49 -27.58 -18.54
C LEU A 108 9.34 -28.56 -18.33
N LEU A 109 8.20 -28.28 -18.94
CA LEU A 109 7.03 -29.15 -18.82
C LEU A 109 7.38 -30.59 -19.16
N ASP A 110 7.64 -31.40 -18.13
CA ASP A 110 7.64 -32.85 -18.28
C ASP A 110 7.92 -33.53 -16.94
N ASN A 119 6.11 -35.47 -15.20
CA ASN A 119 5.51 -36.45 -16.10
C ASN A 119 4.67 -35.81 -17.19
N LEU A 120 3.47 -35.36 -16.82
CA LEU A 120 2.52 -34.83 -17.79
C LEU A 120 1.10 -34.85 -17.24
N HIS A 121 0.47 -33.68 -17.20
CA HIS A 121 0.81 -32.59 -18.11
C HIS A 121 -0.13 -31.41 -17.92
N ALA A 122 0.28 -30.45 -17.11
CA ALA A 122 -0.61 -29.40 -16.64
C ALA A 122 0.11 -28.07 -16.49
N ASP A 123 -0.51 -27.00 -16.99
CA ASP A 123 0.18 -25.72 -17.21
C ASP A 123 0.23 -24.73 -16.02
N SER A 124 0.73 -25.19 -14.89
CA SER A 124 0.84 -24.35 -13.70
C SER A 124 2.24 -23.78 -13.49
N ILE A 125 2.98 -23.61 -14.58
CA ILE A 125 4.36 -23.10 -14.47
C ILE A 125 4.68 -22.03 -15.51
N VAL A 126 5.70 -21.22 -15.19
CA VAL A 126 6.24 -20.21 -16.10
C VAL A 126 7.74 -20.04 -15.84
N ALA A 127 8.54 -20.12 -16.89
CA ALA A 127 9.96 -19.80 -16.82
C ALA A 127 10.15 -18.32 -17.15
N VAL A 128 11.10 -17.67 -16.49
CA VAL A 128 11.43 -16.26 -16.76
C VAL A 128 12.92 -16.07 -17.06
N ASN A 129 13.21 -15.20 -18.03
CA ASN A 129 14.57 -15.05 -18.58
C ASN A 129 15.58 -14.33 -17.69
N GLY A 130 15.09 -13.50 -16.77
CA GLY A 130 15.96 -12.77 -15.85
C GLY A 130 15.93 -13.32 -14.42
N GLY A 131 16.26 -12.44 -13.47
CA GLY A 131 16.26 -12.79 -12.05
C GLY A 131 14.93 -12.51 -11.39
N LEU A 132 14.99 -12.14 -10.12
CA LEU A 132 13.79 -11.96 -9.32
C LEU A 132 12.97 -10.75 -9.77
N GLU A 133 13.66 -9.67 -10.13
CA GLU A 133 13.00 -8.44 -10.57
C GLU A 133 11.97 -8.73 -11.65
N GLN A 134 12.43 -9.40 -12.72
CA GLN A 134 11.61 -9.75 -13.86
C GLN A 134 10.41 -10.57 -13.45
N ALA A 135 10.64 -11.49 -12.50
CA ALA A 135 9.58 -12.32 -11.94
C ALA A 135 8.51 -11.41 -11.38
N LEU A 136 8.92 -10.52 -10.48
CA LEU A 136 8.01 -9.59 -9.83
C LEU A 136 7.29 -8.68 -10.83
N GLN A 137 8.04 -8.16 -11.80
CA GLN A 137 7.46 -7.40 -12.90
C GLN A 137 6.38 -8.21 -13.59
N LEU A 138 6.72 -9.44 -13.99
CA LEU A 138 5.80 -10.35 -14.67
C LEU A 138 4.57 -10.70 -13.81
N LEU A 139 4.80 -10.86 -12.51
CA LEU A 139 3.74 -11.21 -11.57
C LEU A 139 2.82 -10.04 -11.28
N ALA A 140 3.37 -8.82 -11.37
CA ALA A 140 2.58 -7.60 -11.24
C ALA A 140 1.95 -7.18 -12.58
N SER A 141 2.24 -7.93 -13.63
CA SER A 141 1.77 -7.64 -14.99
C SER A 141 0.28 -7.90 -15.15
N PRO A 142 -0.47 -6.91 -15.68
CA PRO A 142 -1.93 -6.72 -15.79
C PRO A 142 -2.87 -7.91 -15.51
N ASN A 143 -2.53 -9.10 -16.01
CA ASN A 143 -3.34 -10.30 -15.81
C ASN A 143 -2.98 -11.10 -14.55
N TYR A 144 -1.68 -11.29 -14.31
CA TYR A 144 -1.17 -12.05 -13.16
C TYR A 144 -1.48 -11.42 -11.80
N THR A 145 -1.71 -10.10 -11.79
CA THR A 145 -1.87 -9.33 -10.55
C THR A 145 -3.16 -9.53 -9.73
N PRO A 146 -4.35 -9.34 -10.35
CA PRO A 146 -5.53 -9.70 -9.58
C PRO A 146 -5.52 -11.19 -9.15
N SER A 147 -5.08 -12.08 -10.05
CA SER A 147 -5.10 -13.53 -9.85
C SER A 147 -4.11 -14.07 -8.80
N ILE A 148 -2.90 -13.50 -8.77
CA ILE A 148 -1.85 -13.95 -7.84
C ILE A 148 -1.79 -13.11 -6.57
N GLU A 149 -2.12 -13.74 -5.44
CA GLU A 149 -2.24 -13.07 -4.14
C GLU A 149 -0.89 -12.68 -3.48
N THR A 150 -0.11 -13.67 -3.05
CA THR A 150 1.23 -13.42 -2.48
C THR A 150 2.30 -14.13 -3.29
N VAL A 151 3.45 -13.48 -3.42
CA VAL A 151 4.60 -14.12 -4.03
C VAL A 151 5.52 -14.65 -2.91
N TYR A 152 6.00 -15.87 -3.06
CA TYR A 152 6.98 -16.44 -2.14
C TYR A 152 8.25 -16.81 -2.86
N CYS A 153 9.38 -16.44 -2.27
CA CYS A 153 10.68 -16.83 -2.78
C CYS A 153 11.17 -18.02 -1.96
N ILE A 154 11.46 -19.12 -2.63
CA ILE A 154 11.72 -20.37 -1.92
C ILE A 154 13.12 -20.93 -2.04
N GLY A 155 13.97 -20.25 -2.81
CA GLY A 155 15.39 -20.54 -2.83
C GLY A 155 15.92 -20.75 -4.24
N GLY A 156 17.22 -20.99 -4.33
CA GLY A 156 18.06 -21.19 -3.17
C GLY A 156 19.07 -20.07 -2.98
N GLY A 157 20.26 -20.44 -2.55
CA GLY A 157 21.33 -19.46 -2.28
C GLY A 157 21.27 -18.26 -3.20
N SER A 158 21.51 -18.52 -4.48
CA SER A 158 21.51 -17.48 -5.52
C SER A 158 20.24 -16.63 -5.55
N VAL A 159 19.09 -17.26 -5.34
CA VAL A 159 17.83 -16.50 -5.32
C VAL A 159 17.70 -15.69 -4.04
N TYR A 160 18.20 -16.23 -2.92
CA TYR A 160 18.19 -15.53 -1.64
C TYR A 160 19.13 -14.32 -1.63
N ALA A 161 20.31 -14.50 -2.22
CA ALA A 161 21.26 -13.39 -2.39
C ALA A 161 20.55 -12.18 -2.93
N GLU A 162 19.84 -12.36 -4.05
CA GLU A 162 19.09 -11.29 -4.72
C GLU A 162 17.98 -10.71 -3.83
N ALA A 163 17.34 -11.58 -3.04
CA ALA A 163 16.28 -11.18 -2.12
C ALA A 163 16.75 -10.15 -1.10
N LEU A 164 17.90 -10.42 -0.47
CA LEU A 164 18.45 -9.52 0.52
C LEU A 164 19.36 -8.47 -0.10
N ARG A 165 19.20 -8.25 -1.40
CA ARG A 165 19.95 -7.22 -2.12
C ARG A 165 18.97 -6.18 -2.63
N PRO A 166 19.38 -4.89 -2.63
CA PRO A 166 18.56 -3.88 -3.30
C PRO A 166 18.49 -4.17 -4.81
N PRO A 167 17.32 -3.91 -5.43
CA PRO A 167 16.14 -3.35 -4.78
C PRO A 167 15.06 -4.36 -4.39
N CYS A 168 15.42 -5.64 -4.29
CA CYS A 168 14.48 -6.68 -3.87
C CYS A 168 14.18 -6.56 -2.39
N VAL A 169 15.26 -6.57 -1.60
CA VAL A 169 15.21 -6.45 -0.15
C VAL A 169 14.20 -5.40 0.31
N HIS A 170 14.03 -4.35 -0.49
CA HIS A 170 13.08 -3.30 -0.17
C HIS A 170 11.64 -3.71 -0.50
N LEU A 171 11.46 -4.63 -1.43
CA LEU A 171 10.12 -5.15 -1.70
C LEU A 171 9.82 -6.34 -0.79
N LEU A 172 10.83 -6.72 0.00
CA LEU A 172 10.75 -7.87 0.90
C LEU A 172 9.96 -7.54 2.17
N GLN A 173 8.91 -8.33 2.38
CA GLN A 173 7.84 -7.95 3.30
C GLN A 173 7.61 -8.88 4.47
N ALA A 174 8.06 -10.13 4.35
CA ALA A 174 8.07 -11.07 5.48
C ALA A 174 9.01 -12.24 5.21
N ILE A 175 9.71 -12.67 6.27
CA ILE A 175 10.54 -13.86 6.21
C ILE A 175 9.98 -14.89 7.17
N TYR A 176 9.58 -16.03 6.64
CA TYR A 176 9.27 -17.16 7.47
C TYR A 176 10.55 -17.96 7.56
N ARG A 177 11.10 -18.10 8.76
CA ARG A 177 12.34 -18.84 8.92
C ARG A 177 12.25 -19.99 9.90
N THR A 178 12.38 -21.19 9.35
CA THR A 178 12.47 -22.45 10.11
C THR A 178 13.93 -22.71 10.50
N THR A 179 14.21 -22.65 11.80
CA THR A 179 15.56 -22.95 12.30
C THR A 179 15.63 -24.43 12.65
N ILE A 180 16.63 -25.11 12.10
CA ILE A 180 16.92 -26.51 12.42
C ILE A 180 18.10 -26.62 13.41
N ARG A 181 17.85 -27.23 14.55
CA ARG A 181 18.87 -27.42 15.59
C ARG A 181 19.80 -28.59 15.23
N ALA A 182 20.30 -28.56 14.00
CA ALA A 182 21.38 -29.44 13.57
C ALA A 182 22.64 -28.60 13.37
N SER A 183 23.80 -29.27 13.38
CA SER A 183 25.09 -28.58 13.21
C SER A 183 26.17 -29.45 12.59
N GLU A 184 26.73 -28.92 11.50
CA GLU A 184 28.01 -29.32 10.96
C GLU A 184 28.63 -28.07 10.30
N SER A 185 29.90 -28.15 9.94
CA SER A 185 30.53 -27.09 9.13
C SER A 185 30.26 -27.31 7.63
N SER A 186 30.19 -28.59 7.23
CA SER A 186 30.12 -29.04 5.81
C SER A 186 28.97 -28.49 4.95
N CYS A 187 28.05 -27.74 5.57
CA CYS A 187 27.04 -27.01 4.83
C CYS A 187 27.67 -25.72 4.25
N SER A 188 27.65 -25.61 2.92
CA SER A 188 28.36 -24.55 2.18
C SER A 188 27.72 -23.16 2.29
N VAL A 189 26.59 -22.97 1.61
CA VAL A 189 25.93 -21.66 1.47
C VAL A 189 25.36 -21.18 2.81
N PHE A 190 25.16 -19.86 2.94
CA PHE A 190 24.70 -19.27 4.21
C PHE A 190 23.57 -18.24 4.08
N PHE A 191 22.65 -18.27 5.04
CA PHE A 191 21.55 -17.31 5.11
C PHE A 191 21.36 -16.72 6.51
N ARG A 192 21.76 -15.46 6.66
CA ARG A 192 21.57 -14.72 7.88
C ARG A 192 20.77 -13.47 7.59
N VAL A 193 19.74 -13.24 8.39
CA VAL A 193 19.04 -11.97 8.39
C VAL A 193 19.97 -11.02 9.13
N PRO A 194 20.24 -9.83 8.54
CA PRO A 194 21.16 -8.90 9.19
C PRO A 194 20.51 -8.25 10.40
N GLU A 195 21.28 -7.98 11.44
CA GLU A 195 20.77 -7.22 12.58
C GLU A 195 20.51 -5.77 12.15
N SER A 196 19.45 -5.18 12.69
CA SER A 196 19.11 -3.78 12.36
C SER A 196 20.21 -2.77 12.69
N GLY A 197 20.28 -1.70 11.90
CA GLY A 197 21.31 -0.70 12.05
C GLY A 197 22.70 -1.20 11.73
N THR A 198 22.80 -2.29 10.96
CA THR A 198 24.09 -2.72 10.47
C THR A 198 24.22 -2.41 8.98
N GLU A 199 25.46 -2.39 8.48
CA GLU A 199 25.73 -2.13 7.07
C GLU A 199 24.87 -3.07 6.21
N ALA A 200 25.05 -4.37 6.43
CA ALA A 200 24.31 -5.41 5.71
C ALA A 200 22.79 -5.27 5.77
N ALA A 201 22.30 -4.51 6.75
CA ALA A 201 20.86 -4.37 6.96
C ALA A 201 20.19 -3.57 5.87
N ALA A 202 21.00 -2.76 5.16
CA ALA A 202 20.53 -1.84 4.11
C ALA A 202 19.55 -0.83 4.65
N GLY A 203 19.72 -0.51 5.93
CA GLY A 203 18.83 0.39 6.63
C GLY A 203 17.48 -0.19 6.98
N ILE A 204 17.34 -1.51 6.89
CA ILE A 204 16.09 -2.17 7.29
C ILE A 204 16.18 -2.73 8.72
N GLU A 205 15.05 -2.66 9.43
CA GLU A 205 14.98 -3.13 10.81
C GLU A 205 14.08 -4.35 10.94
N TRP A 206 14.68 -5.51 11.19
CA TRP A 206 13.93 -6.76 11.24
C TRP A 206 13.44 -7.11 12.65
N GLN A 207 12.16 -7.47 12.75
CA GLN A 207 11.51 -7.80 14.02
C GLN A 207 10.83 -9.16 14.03
N ARG A 208 10.75 -9.76 15.21
CA ARG A 208 10.05 -11.02 15.37
C ARG A 208 8.59 -10.65 15.39
N GLU A 209 7.75 -11.29 14.60
CA GLU A 209 6.33 -11.04 14.73
C GLU A 209 5.79 -12.19 15.53
N THR A 210 6.20 -13.39 15.18
CA THR A 210 5.79 -14.58 15.92
C THR A 210 6.98 -15.45 16.10
N ILE A 211 6.90 -16.38 17.04
CA ILE A 211 7.90 -17.41 17.20
C ILE A 211 7.33 -18.61 17.95
N SER A 212 7.37 -19.77 17.32
CA SER A 212 6.83 -21.00 17.87
C SER A 212 7.57 -21.50 19.10
N GLU A 213 7.02 -22.57 19.65
CA GLU A 213 7.71 -23.39 20.62
C GLU A 213 8.92 -24.02 19.93
N GLU A 214 9.95 -24.34 20.72
CA GLU A 214 10.93 -25.31 20.29
C GLU A 214 10.16 -26.63 20.07
N LEU A 215 10.40 -27.28 18.94
CA LEU A 215 9.65 -28.48 18.60
C LEU A 215 10.58 -29.57 18.13
N THR A 216 10.18 -30.81 18.42
CA THR A 216 11.00 -31.98 18.11
C THR A 216 10.42 -32.74 16.92
N SER A 217 11.27 -33.04 15.96
CA SER A 217 10.86 -33.70 14.72
C SER A 217 10.68 -35.24 14.86
N ALA A 218 9.54 -35.74 14.38
CA ALA A 218 9.25 -37.18 14.39
C ALA A 218 10.15 -38.00 13.47
N ASN A 219 11.23 -37.39 12.98
CA ASN A 219 12.24 -38.09 12.17
C ASN A 219 13.17 -38.97 13.00
N GLY A 220 14.25 -39.44 12.37
CA GLY A 220 15.16 -40.41 12.98
C GLY A 220 16.06 -39.96 14.12
N ASN A 221 16.14 -38.66 14.38
CA ASN A 221 17.11 -38.21 15.36
C ASN A 221 16.55 -37.36 16.48
N GLU A 222 15.22 -37.29 16.55
CA GLU A 222 14.54 -36.42 17.51
C GLU A 222 15.13 -35.02 17.47
N THR A 223 15.33 -34.49 16.26
CA THR A 223 16.02 -33.21 16.09
C THR A 223 15.08 -32.04 16.35
N LYS A 224 15.60 -31.04 17.05
CA LYS A 224 14.81 -29.86 17.36
C LYS A 224 14.74 -28.86 16.21
N TYR A 225 13.66 -28.09 16.20
CA TYR A 225 13.41 -27.07 15.19
C TYR A 225 12.41 -26.10 15.77
N TYR A 226 12.38 -24.89 15.23
CA TYR A 226 11.34 -23.94 15.60
C TYR A 226 11.05 -23.02 14.44
N PHE A 227 9.91 -22.33 14.49
CA PHE A 227 9.50 -21.43 13.44
C PHE A 227 9.56 -20.02 13.98
N GLU A 228 9.60 -19.04 13.09
CA GLU A 228 9.47 -17.63 13.45
C GLU A 228 9.18 -16.76 12.22
N LYS A 229 8.29 -15.78 12.37
CA LYS A 229 7.98 -14.85 11.28
C LYS A 229 8.66 -13.53 11.52
N LEU A 230 9.34 -13.01 10.51
CA LEU A 230 10.08 -11.78 10.65
C LEU A 230 9.57 -10.74 9.69
N ILE A 231 9.37 -9.54 10.19
CA ILE A 231 8.79 -8.47 9.36
C ILE A 231 9.62 -7.20 9.40
N PRO A 232 9.58 -6.41 8.33
CA PRO A 232 10.44 -5.24 8.35
C PRO A 232 9.72 -4.09 9.04
N ARG A 233 10.22 -3.72 10.21
CA ARG A 233 9.63 -2.68 11.04
C ARG A 233 9.20 -1.44 10.26
N ASN A 234 7.96 -1.03 10.49
CA ASN A 234 7.33 0.10 9.79
C ASN A 234 7.25 1.37 10.66
N ARG A 235 8.38 2.06 10.80
CA ARG A 235 8.42 3.34 11.51
C ARG A 235 7.27 4.27 11.09
N GLU A 236 7.12 4.47 9.79
CA GLU A 236 6.08 5.33 9.21
C GLU A 236 4.73 5.14 9.87
N GLU A 237 4.17 3.94 9.78
CA GLU A 237 2.87 3.68 10.39
C GLU A 237 2.95 3.84 11.88
N GLU A 238 4.10 3.50 12.44
CA GLU A 238 4.27 3.54 13.89
C GLU A 238 4.13 4.94 14.45
N GLN A 239 4.56 5.95 13.69
CA GLN A 239 4.41 7.34 14.10
C GLN A 239 2.93 7.74 14.26
N TYR A 240 2.09 7.26 13.35
CA TYR A 240 0.65 7.43 13.45
C TYR A 240 0.14 6.90 14.78
N LEU A 241 0.59 5.71 15.14
CA LEU A 241 0.13 5.05 16.34
C LEU A 241 0.56 5.75 17.60
N SER A 242 1.84 6.11 17.66
CA SER A 242 2.37 6.76 18.85
C SER A 242 1.78 8.17 19.01
N LEU A 243 1.06 8.62 18.00
CA LEU A 243 0.32 9.86 18.10
C LEU A 243 -1.01 9.58 18.76
N VAL A 244 -1.64 8.49 18.35
CA VAL A 244 -2.88 8.01 18.94
C VAL A 244 -2.74 7.73 20.45
N ASP A 245 -1.66 7.05 20.82
CA ASP A 245 -1.37 6.74 22.20
C ASP A 245 -1.14 8.03 23.00
N ARG A 246 -0.46 8.99 22.38
CA ARG A 246 -0.14 10.24 23.06
C ARG A 246 -1.42 11.00 23.37
N ILE A 247 -2.36 10.99 22.42
CA ILE A 247 -3.65 11.62 22.60
C ILE A 247 -4.40 10.96 23.74
N ILE A 248 -4.48 9.65 23.72
CA ILE A 248 -5.21 8.92 24.73
C ILE A 248 -4.62 9.15 26.11
N ARG A 249 -3.30 9.17 26.20
CA ARG A 249 -2.67 9.38 27.51
C ARG A 249 -2.72 10.84 27.92
N GLU A 250 -2.59 11.76 26.96
CA GLU A 250 -2.35 13.16 27.30
C GLU A 250 -3.30 14.16 26.71
N GLY A 251 -4.32 13.71 25.99
CA GLY A 251 -5.21 14.64 25.28
C GLY A 251 -6.11 15.42 26.23
N ASN A 252 -6.55 16.59 25.80
CA ASN A 252 -7.51 17.36 26.56
C ASN A 252 -8.90 16.86 26.24
N VAL A 253 -9.72 16.69 27.28
CA VAL A 253 -11.12 16.34 27.08
C VAL A 253 -11.84 17.53 26.49
N LYS A 254 -12.51 17.30 25.36
CA LYS A 254 -13.19 18.36 24.61
C LYS A 254 -14.53 17.82 24.13
N HIS A 255 -15.46 18.71 23.76
CA HIS A 255 -16.76 18.26 23.28
C HIS A 255 -17.22 19.00 22.05
N ASP A 256 -17.33 18.27 20.94
CA ASP A 256 -17.67 18.85 19.61
C ASP A 256 -19.12 19.30 19.44
N ARG A 257 -19.45 19.73 18.21
CA ARG A 257 -20.73 20.39 17.91
C ARG A 257 -21.96 19.53 18.21
N THR A 258 -21.97 18.27 17.77
CA THR A 258 -23.01 17.32 18.23
C THR A 258 -23.06 17.36 19.76
N GLY A 259 -21.97 16.93 20.38
CA GLY A 259 -21.81 16.92 21.82
C GLY A 259 -20.96 15.74 22.26
N VAL A 260 -20.50 14.93 21.31
CA VAL A 260 -19.71 13.74 21.64
C VAL A 260 -18.40 14.16 22.31
N GLY A 261 -17.90 13.33 23.23
CA GLY A 261 -16.64 13.60 23.90
C GLY A 261 -15.44 13.17 23.09
N THR A 262 -14.41 14.03 23.05
CA THR A 262 -13.13 13.72 22.39
C THR A 262 -11.94 13.88 23.34
N LEU A 263 -10.82 13.29 22.95
CA LEU A 263 -9.53 13.63 23.53
C LEU A 263 -8.75 14.24 22.39
N SER A 264 -8.18 15.42 22.58
CA SER A 264 -7.45 16.03 21.47
C SER A 264 -6.11 16.64 21.84
N ILE A 265 -5.20 16.66 20.87
CA ILE A 265 -3.94 17.40 20.96
C ILE A 265 -3.91 18.44 19.86
N PHE A 266 -3.01 19.41 19.97
CA PHE A 266 -2.94 20.45 18.97
C PHE A 266 -1.63 20.55 18.21
N GLY A 267 -1.65 20.20 16.93
CA GLY A 267 -0.49 20.36 16.06
C GLY A 267 0.49 19.21 16.20
N ALA A 268 0.67 18.49 15.08
CA ALA A 268 1.62 17.38 14.95
C ALA A 268 1.92 17.26 13.48
N GLN A 269 2.96 16.51 13.14
CA GLN A 269 3.38 16.34 11.75
C GLN A 269 3.79 14.90 11.44
N MET A 270 3.42 14.43 10.24
CA MET A 270 3.78 13.07 9.83
C MET A 270 4.38 13.04 8.43
N ARG A 271 5.14 11.99 8.10
CA ARG A 271 5.69 11.82 6.76
C ARG A 271 5.47 10.40 6.29
N PHE A 272 5.37 10.23 4.97
CA PHE A 272 5.25 8.91 4.35
C PHE A 272 5.92 8.91 3.00
N SER A 273 6.81 7.96 2.79
CA SER A 273 7.43 7.75 1.50
C SER A 273 6.40 7.25 0.48
N LEU A 274 6.26 7.99 -0.62
CA LEU A 274 5.47 7.57 -1.78
C LEU A 274 6.35 6.98 -2.88
N ARG A 275 7.64 6.86 -2.59
CA ARG A 275 8.67 6.40 -3.51
C ARG A 275 8.38 5.02 -4.07
N ASN A 276 8.48 4.92 -5.40
CA ASN A 276 8.11 3.72 -6.19
C ASN A 276 6.67 3.26 -5.98
N ASN A 277 5.80 4.26 -5.76
CA ASN A 277 4.35 4.07 -5.52
C ASN A 277 4.02 3.19 -4.31
N ARG A 278 4.90 3.21 -3.31
CA ARG A 278 4.51 2.66 -2.02
C ARG A 278 3.33 3.52 -1.56
N LEU A 279 2.36 2.89 -0.93
CA LEU A 279 1.11 3.58 -0.60
C LEU A 279 0.73 3.37 0.87
N PRO A 280 0.88 4.42 1.70
CA PRO A 280 0.64 4.29 3.13
C PRO A 280 -0.83 4.09 3.48
N LEU A 281 -1.35 2.91 3.14
CA LEU A 281 -2.60 2.42 3.70
C LEU A 281 -2.25 1.73 4.99
N LEU A 282 -2.95 2.08 6.07
CA LEU A 282 -2.58 1.52 7.38
C LEU A 282 -2.80 0.01 7.51
N THR A 283 -1.78 -0.68 7.99
CA THR A 283 -1.86 -2.12 8.18
C THR A 283 -2.66 -2.45 9.45
N THR A 284 -2.46 -1.69 10.52
CA THR A 284 -3.07 -2.00 11.83
C THR A 284 -4.60 -1.97 11.84
N LYS A 285 -5.19 -1.54 10.74
CA LYS A 285 -6.64 -1.47 10.55
C LYS A 285 -6.88 -1.20 9.06
N ARG A 286 -7.77 -2.01 8.46
CA ARG A 286 -8.07 -1.90 7.03
C ARG A 286 -8.80 -0.59 6.73
N VAL A 287 -8.28 0.12 5.73
CA VAL A 287 -8.83 1.39 5.24
C VAL A 287 -9.80 1.10 4.10
N PHE A 288 -10.74 2.01 3.85
CA PHE A 288 -11.68 1.82 2.74
C PHE A 288 -11.12 2.34 1.41
N TRP A 289 -10.08 1.67 0.89
CA TRP A 289 -9.39 2.17 -0.28
C TRP A 289 -10.33 2.48 -1.44
N ARG A 290 -11.25 1.56 -1.72
CA ARG A 290 -12.15 1.73 -2.85
C ARG A 290 -12.84 3.09 -2.78
N GLY A 291 -13.25 3.49 -1.58
CA GLY A 291 -13.85 4.80 -1.33
C GLY A 291 -12.86 5.94 -1.45
N VAL A 292 -11.71 5.79 -0.81
CA VAL A 292 -10.62 6.77 -0.91
C VAL A 292 -10.41 7.19 -2.36
N CYS A 293 -10.07 6.21 -3.18
CA CYS A 293 -9.74 6.41 -4.57
C CYS A 293 -10.92 7.05 -5.27
N GLU A 294 -12.10 6.52 -5.02
CA GLU A 294 -13.29 7.04 -5.68
C GLU A 294 -13.57 8.50 -5.33
N GLU A 295 -13.33 8.88 -4.08
CA GLU A 295 -13.63 10.24 -3.61
C GLU A 295 -12.64 11.26 -4.16
N LEU A 296 -11.35 10.90 -4.19
CA LEU A 296 -10.33 11.85 -4.65
C LEU A 296 -10.45 12.16 -6.13
N LEU A 297 -10.77 11.14 -6.94
CA LEU A 297 -10.97 11.35 -8.38
C LEU A 297 -12.16 12.28 -8.53
N TRP A 298 -13.10 12.11 -7.62
CA TRP A 298 -14.27 12.95 -7.52
C TRP A 298 -13.82 14.38 -7.25
N PHE A 299 -13.00 14.54 -6.21
CA PHE A 299 -12.41 15.84 -5.90
C PHE A 299 -11.79 16.47 -7.15
N LEU A 300 -10.95 15.69 -7.82
CA LEU A 300 -10.11 16.15 -8.91
C LEU A 300 -10.88 16.70 -10.08
N ARG A 301 -12.09 16.21 -10.28
CA ARG A 301 -12.95 16.71 -11.34
C ARG A 301 -13.65 18.01 -10.97
N GLY A 302 -13.58 18.38 -9.69
CA GLY A 302 -14.33 19.54 -9.17
C GLY A 302 -15.79 19.18 -8.99
N GLU A 303 -16.03 17.92 -8.64
CA GLU A 303 -17.38 17.37 -8.52
C GLU A 303 -18.07 17.81 -7.23
N THR A 304 -19.40 17.70 -7.21
CA THR A 304 -20.21 18.23 -6.11
C THR A 304 -21.45 17.37 -5.83
N TYR A 305 -22.07 16.83 -6.88
CA TYR A 305 -23.21 15.94 -6.70
C TYR A 305 -22.75 14.64 -6.06
N ALA A 306 -22.93 14.55 -4.74
CA ALA A 306 -22.42 13.45 -3.94
C ALA A 306 -22.95 12.08 -4.33
N LYS A 307 -24.01 12.04 -5.12
CA LYS A 307 -24.61 10.76 -5.47
C LYS A 307 -23.81 10.01 -6.52
N LYS A 308 -22.96 10.73 -7.26
CA LYS A 308 -21.94 10.10 -8.09
C LYS A 308 -21.17 9.07 -7.27
N LEU A 309 -20.85 9.43 -6.04
CA LEU A 309 -20.19 8.53 -5.11
C LEU A 309 -21.11 7.44 -4.59
N SER A 310 -22.35 7.84 -4.28
CA SER A 310 -23.33 6.89 -3.79
C SER A 310 -23.55 5.81 -4.84
N ASP A 311 -23.98 6.22 -6.04
CA ASP A 311 -24.16 5.34 -7.19
C ASP A 311 -23.05 4.31 -7.33
N LYS A 312 -21.81 4.71 -7.05
CA LYS A 312 -20.65 3.82 -7.12
C LYS A 312 -20.37 3.06 -5.81
N GLY A 313 -21.38 2.98 -4.94
CA GLY A 313 -21.29 2.22 -3.70
C GLY A 313 -20.44 2.86 -2.61
N VAL A 314 -20.27 4.17 -2.68
CA VAL A 314 -19.53 4.91 -1.66
C VAL A 314 -20.49 5.84 -0.91
N HIS A 315 -20.75 5.48 0.34
CA HIS A 315 -21.74 6.17 1.15
C HIS A 315 -21.06 6.82 2.35
N ILE A 316 -20.53 8.03 2.16
CA ILE A 316 -19.93 8.76 3.27
C ILE A 316 -20.51 10.16 3.33
N TRP A 317 -20.63 10.78 2.17
CA TRP A 317 -21.24 12.09 2.08
C TRP A 317 -22.74 11.98 2.26
N ASP A 318 -23.21 10.75 2.44
CA ASP A 318 -24.63 10.43 2.59
C ASP A 318 -25.27 11.16 3.77
N ASP A 319 -24.60 11.16 4.93
CA ASP A 319 -25.13 11.83 6.12
C ASP A 319 -25.26 13.34 5.90
N ASN A 320 -24.21 13.93 5.35
CA ASN A 320 -24.15 15.37 5.14
C ASN A 320 -24.83 15.82 3.85
N GLY A 321 -25.41 14.86 3.14
CA GLY A 321 -26.07 15.13 1.87
C GLY A 321 -27.58 15.00 1.93
N SER A 322 -28.08 14.51 3.07
CA SER A 322 -29.51 14.31 3.29
C SER A 322 -30.27 15.63 3.25
N ARG A 323 -31.52 15.56 2.81
CA ARG A 323 -32.42 16.73 2.81
C ARG A 323 -32.38 17.46 4.15
N ALA A 324 -32.38 16.68 5.23
CA ALA A 324 -32.29 17.19 6.60
C ALA A 324 -31.05 18.05 6.83
N PHE A 325 -29.88 17.44 6.83
CA PHE A 325 -28.64 18.15 7.15
C PHE A 325 -28.40 19.40 6.30
N LEU A 326 -28.80 19.33 5.03
CA LEU A 326 -28.65 20.46 4.12
C LEU A 326 -29.48 21.60 4.65
N ASP A 327 -30.70 21.26 5.05
CA ASP A 327 -31.61 22.24 5.59
C ASP A 327 -31.05 22.73 6.93
N SER A 328 -30.51 21.81 7.71
CA SER A 328 -30.00 22.16 9.04
C SER A 328 -28.85 23.15 8.92
N ARG A 329 -28.25 23.20 7.74
CA ARG A 329 -27.13 24.07 7.45
C ARG A 329 -27.60 25.28 6.61
N GLY A 330 -28.92 25.43 6.51
CA GLY A 330 -29.51 26.60 5.88
C GLY A 330 -29.47 26.55 4.36
N LEU A 331 -29.33 25.36 3.81
CA LEU A 331 -29.28 25.18 2.36
C LEU A 331 -30.62 24.71 1.85
N THR A 332 -31.56 25.64 1.79
CA THR A 332 -32.90 25.38 1.25
C THR A 332 -32.79 24.90 -0.20
N GLU A 333 -32.08 25.68 -1.01
CA GLU A 333 -32.17 25.57 -2.48
C GLU A 333 -31.44 24.40 -3.11
N TYR A 334 -30.55 23.77 -2.35
CA TYR A 334 -29.77 22.64 -2.82
C TYR A 334 -30.65 21.39 -2.79
N GLU A 335 -30.68 20.65 -3.90
CA GLU A 335 -31.38 19.37 -3.91
C GLU A 335 -30.59 18.36 -3.10
N GLU A 336 -31.25 17.30 -2.63
CA GLU A 336 -30.59 16.27 -1.84
C GLU A 336 -29.31 15.80 -2.53
N MET A 337 -28.28 15.53 -1.72
CA MET A 337 -26.99 15.05 -2.21
C MET A 337 -26.18 16.09 -3.01
N ASP A 338 -26.60 17.35 -2.98
CA ASP A 338 -25.82 18.47 -3.52
C ASP A 338 -25.16 19.22 -2.35
N LEU A 339 -23.86 19.49 -2.46
CA LEU A 339 -23.10 19.99 -1.32
C LEU A 339 -22.62 21.45 -1.42
N GLY A 340 -22.77 22.07 -2.57
CA GLY A 340 -22.21 23.41 -2.77
C GLY A 340 -20.74 23.40 -3.14
N PRO A 341 -20.06 24.54 -2.97
CA PRO A 341 -18.66 24.72 -3.40
C PRO A 341 -17.63 23.98 -2.56
N VAL A 342 -17.84 22.67 -2.37
CA VAL A 342 -16.98 21.89 -1.50
C VAL A 342 -15.70 21.35 -2.14
N TYR A 343 -14.71 21.14 -1.28
CA TYR A 343 -13.37 20.65 -1.64
C TYR A 343 -13.01 20.84 -3.13
N GLY A 344 -13.26 19.80 -3.93
CA GLY A 344 -12.86 19.76 -5.33
C GLY A 344 -13.31 20.96 -6.15
N PHE A 345 -14.49 21.49 -5.85
CA PHE A 345 -14.98 22.65 -6.58
C PHE A 345 -14.05 23.80 -6.33
N GLN A 346 -13.76 24.06 -5.05
CA GLN A 346 -12.79 25.09 -4.71
C GLN A 346 -11.44 24.88 -5.39
N TRP A 347 -11.07 23.62 -5.56
CA TRP A 347 -9.80 23.23 -6.16
C TRP A 347 -9.69 23.67 -7.61
N ARG A 348 -10.79 23.49 -8.33
CA ARG A 348 -10.81 23.66 -9.77
C ARG A 348 -11.42 24.99 -10.19
N HIS A 349 -12.34 25.52 -9.39
CA HIS A 349 -13.02 26.78 -9.70
C HIS A 349 -13.07 27.73 -8.51
N PHE A 350 -11.94 27.91 -7.84
CA PHE A 350 -11.90 28.75 -6.64
C PHE A 350 -12.50 30.11 -6.89
N GLY A 351 -13.55 30.43 -6.13
CA GLY A 351 -14.14 31.75 -6.20
C GLY A 351 -15.26 31.86 -7.21
N ALA A 352 -15.45 30.81 -8.00
CA ALA A 352 -16.59 30.75 -8.91
C ALA A 352 -17.88 30.79 -8.09
N ALA A 353 -18.84 31.61 -8.51
CA ALA A 353 -20.12 31.69 -7.82
C ALA A 353 -20.95 30.41 -8.04
N TYR A 354 -21.32 29.75 -6.96
CA TYR A 354 -22.06 28.50 -7.05
C TYR A 354 -23.54 28.77 -7.25
N THR A 355 -24.21 27.85 -7.95
CA THR A 355 -25.68 27.85 -8.03
C THR A 355 -26.21 26.46 -7.75
N HIS A 356 -25.88 25.50 -8.62
CA HIS A 356 -26.26 24.10 -8.44
C HIS A 356 -25.24 23.19 -9.10
N HIS A 357 -25.30 21.89 -8.81
CA HIS A 357 -24.30 20.92 -9.27
C HIS A 357 -24.37 20.65 -10.78
N ASP A 358 -25.58 20.65 -11.32
CA ASP A 358 -25.76 20.41 -12.75
C ASP A 358 -25.14 21.54 -13.56
N ALA A 359 -25.23 22.77 -13.07
CA ALA A 359 -24.74 23.96 -13.78
C ALA A 359 -23.29 23.83 -14.27
N ASN A 360 -23.03 24.35 -15.48
CA ASN A 360 -21.70 24.33 -16.13
C ASN A 360 -20.71 25.32 -15.50
N TYR A 361 -19.59 24.80 -14.97
CA TYR A 361 -18.66 25.69 -14.27
C TYR A 361 -17.32 25.90 -15.00
N ASP A 362 -17.29 25.48 -16.26
CA ASP A 362 -16.12 25.63 -17.14
C ASP A 362 -15.67 27.07 -17.31
N GLY A 363 -14.41 27.33 -16.97
CA GLY A 363 -13.83 28.64 -17.20
C GLY A 363 -14.00 29.65 -16.07
N GLN A 364 -14.93 29.38 -15.16
CA GLN A 364 -15.15 30.29 -14.04
C GLN A 364 -14.30 29.91 -12.86
N GLY A 365 -13.81 30.91 -12.13
CA GLY A 365 -13.03 30.68 -10.91
C GLY A 365 -11.62 30.24 -11.19
N VAL A 366 -10.76 30.33 -10.18
CA VAL A 366 -9.34 30.02 -10.38
C VAL A 366 -9.04 28.53 -10.32
N ASP A 367 -8.53 27.99 -11.42
CA ASP A 367 -8.19 26.57 -11.48
C ASP A 367 -6.81 26.30 -10.91
N GLN A 368 -6.75 26.15 -9.58
CA GLN A 368 -5.50 25.95 -8.90
C GLN A 368 -4.73 24.74 -9.43
N ILE A 369 -5.34 23.55 -9.38
CA ILE A 369 -4.66 22.32 -9.81
C ILE A 369 -3.93 22.48 -11.16
N LYS A 370 -4.64 22.93 -12.19
CA LYS A 370 -4.05 23.18 -13.49
C LYS A 370 -2.76 24.04 -13.41
N ALA A 371 -2.88 25.22 -12.82
CA ALA A 371 -1.76 26.14 -12.72
C ALA A 371 -0.58 25.50 -11.98
N ILE A 372 -0.88 24.67 -10.98
CA ILE A 372 0.13 23.92 -10.25
C ILE A 372 0.84 22.99 -11.23
N VAL A 373 0.07 22.11 -11.86
CA VAL A 373 0.60 21.19 -12.86
C VAL A 373 1.46 21.97 -13.84
N GLU A 374 0.97 23.15 -14.21
CA GLU A 374 1.69 24.04 -15.12
C GLU A 374 3.05 24.44 -14.59
N THR A 375 3.08 24.94 -13.36
CA THR A 375 4.31 25.45 -12.76
C THR A 375 5.31 24.34 -12.56
N LEU A 376 4.86 23.22 -12.00
CA LEU A 376 5.71 22.06 -11.75
C LEU A 376 6.61 21.74 -12.94
N LYS A 377 5.99 21.60 -14.10
CA LYS A 377 6.71 21.25 -15.31
C LYS A 377 7.74 22.31 -15.70
N THR A 378 7.36 23.58 -15.62
CA THR A 378 8.18 24.68 -16.13
C THR A 378 9.17 25.22 -15.13
N ASN A 379 8.76 25.25 -13.87
CA ASN A 379 9.54 25.91 -12.82
C ASN A 379 9.43 25.23 -11.45
N PRO A 380 10.16 24.11 -11.27
CA PRO A 380 10.05 23.28 -10.07
C PRO A 380 10.44 23.98 -8.78
N ASP A 381 11.23 25.04 -8.89
CA ASP A 381 11.78 25.66 -7.70
C ASP A 381 10.86 26.71 -7.07
N ASP A 382 9.64 26.84 -7.60
CA ASP A 382 8.69 27.88 -7.17
C ASP A 382 8.11 27.64 -5.79
N ARG A 383 8.21 28.62 -4.91
CA ARG A 383 7.74 28.42 -3.55
C ARG A 383 6.27 28.78 -3.38
N ARG A 384 5.50 28.69 -4.46
CA ARG A 384 4.15 29.18 -4.45
C ARG A 384 3.15 28.17 -4.93
N MET A 385 3.60 26.95 -5.20
CA MET A 385 2.71 25.93 -5.75
C MET A 385 1.77 25.32 -4.71
N LEU A 386 0.75 26.07 -4.31
CA LEU A 386 -0.22 25.54 -3.34
C LEU A 386 -1.68 25.89 -3.59
N PHE A 387 -2.53 24.90 -3.44
CA PHE A 387 -3.95 25.10 -3.59
C PHE A 387 -4.65 25.01 -2.25
N THR A 388 -5.76 25.73 -2.13
CA THR A 388 -6.54 25.78 -0.91
C THR A 388 -8.00 25.53 -1.21
N ALA A 389 -8.72 24.99 -0.22
CA ALA A 389 -10.16 24.80 -0.30
C ALA A 389 -10.85 25.66 0.76
N TRP A 390 -10.02 26.32 1.58
CA TRP A 390 -10.52 27.20 2.63
C TRP A 390 -10.81 28.60 2.11
N ASN A 391 -12.04 28.77 1.61
CA ASN A 391 -12.52 30.03 1.08
C ASN A 391 -13.62 30.62 1.96
N PRO A 392 -13.26 31.59 2.81
CA PRO A 392 -14.14 32.28 3.73
C PRO A 392 -15.45 32.76 3.09
N SER A 393 -15.37 33.28 1.87
CA SER A 393 -16.57 33.75 1.15
C SER A 393 -17.51 32.62 0.73
N ALA A 394 -16.93 31.45 0.43
CA ALA A 394 -17.71 30.28 0.01
C ALA A 394 -18.19 29.37 1.16
N LEU A 395 -17.43 29.34 2.26
CA LEU A 395 -17.74 28.51 3.42
C LEU A 395 -19.21 28.43 3.83
N PRO A 396 -19.92 29.58 3.92
CA PRO A 396 -21.33 29.48 4.30
C PRO A 396 -22.22 28.71 3.32
N ARG A 397 -21.89 28.75 2.03
CA ARG A 397 -22.67 28.03 1.02
C ARG A 397 -22.37 26.52 0.99
N MET A 398 -21.39 26.08 1.77
CA MET A 398 -20.95 24.68 1.76
C MET A 398 -21.67 23.88 2.82
N ALA A 399 -21.89 22.60 2.54
CA ALA A 399 -22.56 21.67 3.46
C ALA A 399 -21.66 21.34 4.62
N LEU A 400 -20.40 21.74 4.49
CA LEU A 400 -19.36 21.29 5.37
C LEU A 400 -18.10 22.06 5.05
N PRO A 401 -17.49 22.69 6.06
CA PRO A 401 -16.19 23.27 5.83
C PRO A 401 -15.13 22.17 5.69
N PRO A 402 -14.14 22.37 4.81
CA PRO A 402 -13.07 21.39 4.59
C PRO A 402 -12.16 21.15 5.80
N CYS A 403 -11.79 19.90 6.04
CA CYS A 403 -10.75 19.55 7.01
C CYS A 403 -9.39 19.67 6.37
N HIS A 404 -9.22 18.98 5.24
CA HIS A 404 -7.99 19.08 4.52
C HIS A 404 -8.14 20.27 3.60
N LEU A 405 -7.64 21.41 4.10
CA LEU A 405 -7.91 22.70 3.50
C LEU A 405 -6.75 23.26 2.68
N LEU A 406 -5.61 22.58 2.71
CA LEU A 406 -4.38 23.12 2.12
C LEU A 406 -3.39 22.05 1.70
N ALA A 407 -2.75 22.24 0.53
CA ALA A 407 -1.65 21.37 0.11
C ALA A 407 -0.60 22.13 -0.68
N GLN A 408 0.66 21.98 -0.29
CA GLN A 408 1.76 22.66 -0.97
C GLN A 408 2.69 21.63 -1.53
N PHE A 409 3.10 21.83 -2.78
CA PHE A 409 4.00 20.91 -3.44
C PHE A 409 5.43 21.42 -3.47
N TYR A 410 6.37 20.49 -3.58
CA TYR A 410 7.79 20.82 -3.53
C TYR A 410 8.51 19.75 -4.34
N VAL A 411 9.54 20.14 -5.07
CA VAL A 411 10.25 19.18 -5.90
C VAL A 411 11.72 19.15 -5.56
N SER A 412 12.26 17.95 -5.35
CA SER A 412 13.71 17.79 -5.21
C SER A 412 14.20 16.46 -5.76
N ASN A 413 15.33 16.49 -6.45
CA ASN A 413 15.86 15.31 -7.16
C ASN A 413 14.78 14.71 -8.07
N GLY A 414 14.14 15.56 -8.87
CA GLY A 414 13.05 15.11 -9.75
C GLY A 414 11.95 14.31 -9.07
N GLU A 415 11.83 14.41 -7.75
CA GLU A 415 10.72 13.79 -7.02
C GLU A 415 9.78 14.86 -6.49
N LEU A 416 8.49 14.58 -6.56
CA LEU A 416 7.46 15.48 -6.06
C LEU A 416 7.06 15.10 -4.64
N SER A 417 7.16 16.05 -3.73
CA SER A 417 6.62 15.89 -2.39
C SER A 417 5.39 16.77 -2.23
N CYS A 418 4.65 16.54 -1.16
CA CYS A 418 3.44 17.28 -0.94
C CYS A 418 3.06 17.36 0.51
N MET A 419 3.03 18.59 1.03
CA MET A 419 2.53 18.87 2.38
C MET A 419 1.04 19.08 2.30
N LEU A 420 0.32 18.48 3.25
CA LEU A 420 -1.10 18.64 3.37
C LEU A 420 -1.40 19.19 4.74
N TYR A 421 -2.25 20.21 4.81
CA TYR A 421 -2.65 20.77 6.10
C TYR A 421 -4.09 20.41 6.43
N GLN A 422 -4.32 19.93 7.63
CA GLN A 422 -5.66 19.51 8.00
C GLN A 422 -6.00 20.02 9.39
N ARG A 423 -7.12 20.73 9.49
CA ARG A 423 -7.45 21.51 10.70
C ARG A 423 -8.06 20.69 11.80
N SER A 424 -8.78 19.65 11.40
CA SER A 424 -9.52 18.80 12.31
C SER A 424 -9.37 17.39 11.84
N CYS A 425 -8.87 16.54 12.72
CA CYS A 425 -8.37 15.24 12.33
C CYS A 425 -8.81 14.18 13.29
N ASP A 426 -9.69 13.32 12.81
CA ASP A 426 -10.13 12.16 13.56
C ASP A 426 -9.19 10.98 13.24
N MET A 427 -8.46 10.52 14.25
CA MET A 427 -7.52 9.42 14.07
C MET A 427 -8.30 8.14 13.81
N GLY A 428 -9.52 8.11 14.33
CA GLY A 428 -10.43 6.97 14.15
C GLY A 428 -10.59 6.48 12.73
N LEU A 429 -10.82 7.39 11.79
CA LEU A 429 -10.92 7.03 10.37
C LEU A 429 -10.55 8.19 9.46
N GLY A 430 -11.06 9.38 9.78
CA GLY A 430 -10.63 10.60 9.08
C GLY A 430 -9.19 10.56 8.60
N VAL A 431 -8.26 10.46 9.54
CA VAL A 431 -6.84 10.57 9.25
C VAL A 431 -6.30 9.50 8.30
N PRO A 432 -6.39 8.22 8.70
CA PRO A 432 -5.84 7.18 7.83
C PRO A 432 -6.41 7.27 6.43
N PHE A 433 -7.70 7.58 6.35
CA PHE A 433 -8.37 7.78 5.07
C PHE A 433 -7.67 8.87 4.27
N ASN A 434 -7.47 10.02 4.91
CA ASN A 434 -6.95 11.21 4.26
C ASN A 434 -5.52 11.07 3.83
N ILE A 435 -4.74 10.30 4.59
CA ILE A 435 -3.35 10.01 4.22
C ILE A 435 -3.32 9.30 2.88
N ALA A 436 -4.10 8.23 2.77
CA ALA A 436 -4.25 7.52 1.51
C ALA A 436 -4.71 8.48 0.42
N SER A 437 -5.72 9.30 0.73
CA SER A 437 -6.26 10.29 -0.21
C SER A 437 -5.20 11.20 -0.81
N TYR A 438 -4.32 11.75 0.03
CA TYR A 438 -3.30 12.65 -0.49
C TYR A 438 -2.15 11.91 -1.15
N ALA A 439 -1.77 10.78 -0.59
CA ALA A 439 -0.85 9.88 -1.28
C ALA A 439 -1.26 9.67 -2.76
N LEU A 440 -2.55 9.42 -3.01
CA LEU A 440 -2.99 9.20 -4.37
C LEU A 440 -2.84 10.46 -5.20
N LEU A 441 -3.26 11.59 -4.62
CA LEU A 441 -3.20 12.85 -5.34
C LEU A 441 -1.79 13.09 -5.83
N THR A 442 -0.83 13.05 -4.89
CA THR A 442 0.57 13.18 -5.21
C THR A 442 0.98 12.28 -6.37
N ILE A 443 0.77 10.97 -6.22
CA ILE A 443 1.12 10.00 -7.26
C ILE A 443 0.56 10.41 -8.62
N LEU A 444 -0.73 10.74 -8.66
CA LEU A 444 -1.36 11.25 -9.86
C LEU A 444 -0.69 12.53 -10.35
N ILE A 445 -0.60 13.55 -9.49
CA ILE A 445 0.00 14.82 -9.89
C ILE A 445 1.41 14.60 -10.39
N ALA A 446 2.13 13.68 -9.73
CA ALA A 446 3.45 13.27 -10.17
C ALA A 446 3.39 12.81 -11.61
N LYS A 447 2.51 11.84 -11.85
CA LYS A 447 2.28 11.27 -13.17
C LYS A 447 1.90 12.32 -14.20
N ALA A 448 1.24 13.38 -13.76
CA ALA A 448 0.76 14.40 -14.69
C ALA A 448 1.85 15.38 -15.06
N THR A 449 2.88 15.45 -14.23
CA THR A 449 3.94 16.43 -14.43
C THR A 449 5.27 15.78 -14.78
N GLY A 450 5.22 14.47 -15.02
CA GLY A 450 6.40 13.70 -15.40
C GLY A 450 7.45 13.78 -14.31
N LEU A 451 7.06 13.36 -13.11
CA LEU A 451 7.96 13.29 -11.97
C LEU A 451 7.73 12.01 -11.19
N ARG A 452 8.76 11.51 -10.52
CA ARG A 452 8.59 10.40 -9.60
C ARG A 452 8.04 10.95 -8.29
N PRO A 453 7.28 10.13 -7.54
CA PRO A 453 6.75 10.61 -6.26
C PRO A 453 7.76 10.50 -5.12
N GLY A 454 7.70 11.43 -4.17
CA GLY A 454 8.61 11.47 -3.04
C GLY A 454 7.94 11.26 -1.69
N GLU A 455 7.69 12.35 -0.96
CA GLU A 455 7.14 12.27 0.39
C GLU A 455 5.78 12.94 0.51
N LEU A 456 4.93 12.40 1.36
CA LEU A 456 3.75 13.12 1.81
C LEU A 456 4.08 13.61 3.19
N VAL A 457 4.03 14.91 3.42
CA VAL A 457 4.11 15.44 4.78
C VAL A 457 2.74 15.86 5.27
N HIS A 458 2.33 15.28 6.40
CA HIS A 458 1.00 15.48 6.93
C HIS A 458 1.07 16.31 8.21
N THR A 459 0.42 17.47 8.20
CA THR A 459 0.38 18.36 9.35
C THR A 459 -1.03 18.43 9.94
N LEU A 460 -1.16 17.97 11.18
CA LEU A 460 -2.44 17.92 11.88
C LEU A 460 -2.63 19.09 12.83
N GLY A 461 -3.79 19.73 12.73
CA GLY A 461 -4.19 20.80 13.65
C GLY A 461 -4.73 20.28 14.96
N ASP A 462 -6.05 20.23 15.08
CA ASP A 462 -6.65 19.55 16.22
C ASP A 462 -6.69 18.07 15.88
N ALA A 463 -5.88 17.27 16.56
CA ALA A 463 -5.91 15.83 16.36
C ALA A 463 -6.69 15.24 17.51
N HIS A 464 -7.65 14.36 17.21
CA HIS A 464 -8.52 13.82 18.25
C HIS A 464 -8.93 12.36 18.11
N VAL A 465 -9.36 11.80 19.23
CA VAL A 465 -9.92 10.47 19.31
C VAL A 465 -11.27 10.58 20.01
N TYR A 466 -12.28 9.88 19.51
CA TYR A 466 -13.60 9.97 20.11
C TYR A 466 -13.71 9.15 21.38
N SER A 467 -14.58 9.60 22.29
CA SER A 467 -14.72 8.97 23.61
C SER A 467 -15.05 7.49 23.52
N ASN A 468 -15.95 7.15 22.61
CA ASN A 468 -16.22 5.75 22.29
C ASN A 468 -14.95 5.05 21.77
N HIS A 469 -14.33 5.61 20.72
CA HIS A 469 -13.11 5.09 20.06
C HIS A 469 -11.94 4.66 20.99
N VAL A 470 -11.90 5.18 22.21
CA VAL A 470 -10.72 5.02 23.09
C VAL A 470 -10.29 3.58 23.29
N GLU A 471 -11.18 2.79 23.87
CA GLU A 471 -10.89 1.39 24.15
C GLU A 471 -10.63 0.60 22.85
N PRO A 472 -11.50 0.76 21.84
CA PRO A 472 -11.20 0.22 20.51
C PRO A 472 -9.76 0.50 20.10
N CYS A 473 -9.37 1.77 20.18
CA CYS A 473 -8.02 2.19 19.80
C CYS A 473 -6.92 1.52 20.59
N ASN A 474 -7.17 1.22 21.85
CA ASN A 474 -6.22 0.46 22.64
C ASN A 474 -6.00 -0.94 22.07
N GLU A 475 -7.05 -1.52 21.51
CA GLU A 475 -6.94 -2.82 20.86
C GLU A 475 -6.03 -2.69 19.64
N GLN A 476 -6.23 -1.65 18.84
CA GLN A 476 -5.37 -1.38 17.69
C GLN A 476 -3.90 -1.24 18.12
N LEU A 477 -3.66 -0.46 19.18
CA LEU A 477 -2.30 -0.17 19.64
C LEU A 477 -1.49 -1.40 20.02
N LYS A 478 -2.19 -2.52 20.23
CA LYS A 478 -1.56 -3.78 20.62
C LYS A 478 -0.86 -4.45 19.44
N ARG A 479 -1.37 -4.18 18.24
CA ARG A 479 -0.83 -4.74 17.02
C ARG A 479 0.49 -4.10 16.61
N VAL A 480 1.28 -4.84 15.83
CA VAL A 480 2.48 -4.29 15.20
C VAL A 480 2.10 -3.93 13.75
N PRO A 481 2.56 -2.77 13.26
CA PRO A 481 2.34 -2.43 11.85
C PRO A 481 3.21 -3.24 10.87
N ARG A 482 2.57 -3.88 9.90
CA ARG A 482 3.30 -4.56 8.82
C ARG A 482 3.80 -3.57 7.77
N ALA A 483 4.39 -4.08 6.69
CA ALA A 483 4.88 -3.20 5.62
C ALA A 483 3.72 -2.71 4.75
N PHE A 484 3.94 -1.57 4.10
CA PHE A 484 2.92 -0.92 3.26
C PHE A 484 2.82 -1.54 1.87
N PRO A 485 1.64 -1.44 1.25
CA PRO A 485 1.33 -1.90 -0.12
C PRO A 485 1.81 -0.95 -1.26
N TYR A 486 1.50 -1.30 -2.50
CA TYR A 486 1.90 -0.50 -3.66
C TYR A 486 0.76 -0.21 -4.61
N LEU A 487 0.72 1.03 -5.09
CA LEU A 487 -0.21 1.41 -6.13
C LEU A 487 0.43 1.11 -7.48
N VAL A 488 -0.31 0.42 -8.34
CA VAL A 488 0.18 0.05 -9.67
C VAL A 488 -0.90 0.26 -10.73
N PHE A 489 -0.52 0.84 -11.86
CA PHE A 489 -1.49 1.17 -12.88
C PHE A 489 -1.66 0.09 -13.93
N ARG A 490 -2.88 -0.39 -14.09
CA ARG A 490 -3.18 -1.39 -15.11
C ARG A 490 -3.31 -0.72 -16.44
N ARG A 491 -3.62 0.57 -16.40
CA ARG A 491 -3.98 1.33 -17.58
C ARG A 491 -3.70 2.80 -17.31
N GLU A 492 -3.48 3.58 -18.38
CA GLU A 492 -3.31 5.04 -18.27
C GLU A 492 -4.42 5.76 -19.04
N ARG A 493 -4.55 7.07 -18.83
CA ARG A 493 -5.58 7.85 -19.52
C ARG A 493 -5.01 9.03 -20.27
N GLU A 494 -5.81 9.58 -21.17
CA GLU A 494 -5.42 10.70 -21.99
C GLU A 494 -5.41 11.98 -21.14
N PHE A 495 -6.37 12.08 -20.24
CA PHE A 495 -6.49 13.23 -19.35
C PHE A 495 -6.64 12.76 -17.92
N LEU A 496 -6.01 13.50 -17.00
CA LEU A 496 -5.99 13.18 -15.56
C LEU A 496 -7.41 12.95 -15.06
N GLU A 497 -8.30 13.87 -15.40
CA GLU A 497 -9.71 13.76 -15.08
C GLU A 497 -10.34 12.41 -15.45
N ASP A 498 -9.85 11.76 -16.50
CA ASP A 498 -10.47 10.54 -17.00
C ASP A 498 -10.05 9.26 -16.30
N TYR A 499 -9.27 9.39 -15.23
CA TYR A 499 -8.89 8.23 -14.44
C TYR A 499 -10.05 7.64 -13.64
N GLU A 500 -9.99 6.33 -13.45
CA GLU A 500 -11.03 5.61 -12.74
C GLU A 500 -10.43 4.59 -11.78
N GLU A 501 -11.20 4.25 -10.76
CA GLU A 501 -10.81 3.27 -9.75
C GLU A 501 -10.30 1.98 -10.40
N GLY A 502 -10.98 1.53 -11.45
CA GLY A 502 -10.60 0.33 -12.20
C GLY A 502 -9.19 0.38 -12.76
N ASP A 503 -8.78 1.57 -13.20
CA ASP A 503 -7.48 1.81 -13.85
C ASP A 503 -6.28 1.38 -13.01
N MET A 504 -6.42 1.45 -11.70
CA MET A 504 -5.35 1.05 -10.79
C MET A 504 -5.80 -0.05 -9.86
N GLU A 505 -4.82 -0.68 -9.22
CA GLU A 505 -5.06 -1.81 -8.37
C GLU A 505 -3.94 -1.80 -7.35
N VAL A 506 -4.31 -1.86 -6.08
CA VAL A 506 -3.36 -1.74 -4.97
C VAL A 506 -2.90 -3.13 -4.50
N ILE A 507 -1.64 -3.44 -4.77
CA ILE A 507 -1.14 -4.80 -4.59
C ILE A 507 -0.43 -5.00 -3.25
N ASP A 508 -0.65 -6.16 -2.63
CA ASP A 508 0.05 -6.59 -1.40
C ASP A 508 -0.40 -5.90 -0.12
N TYR A 509 -1.67 -5.52 -0.06
CA TYR A 509 -2.24 -4.96 1.15
C TYR A 509 -2.59 -6.09 2.13
N ALA A 510 -1.84 -6.17 3.24
CA ALA A 510 -1.94 -7.31 4.17
C ALA A 510 -2.31 -6.92 5.60
N PRO A 511 -3.55 -6.44 5.81
CA PRO A 511 -3.87 -5.82 7.10
C PRO A 511 -4.18 -6.80 8.25
N TYR A 512 -4.98 -6.31 9.20
CA TYR A 512 -5.69 -7.13 10.17
C TYR A 512 -7.15 -6.64 10.05
N PRO A 513 -8.15 -7.45 10.51
CA PRO A 513 -9.60 -7.19 10.28
C PRO A 513 -10.00 -5.72 10.02
N PRO A 514 -10.94 -5.50 9.06
CA PRO A 514 -11.56 -4.19 8.74
C PRO A 514 -11.81 -3.22 9.91
S SO4 B . 13.64 2.69 19.03
O1 SO4 B . 14.03 3.99 19.61
O2 SO4 B . 13.65 1.65 20.05
O3 SO4 B . 12.32 2.82 18.42
O4 SO4 B . 14.60 2.35 17.99
S SO4 C . 15.91 -10.83 14.44
O1 SO4 C . 14.72 -10.48 15.21
O2 SO4 C . 17.09 -10.89 15.31
O3 SO4 C . 15.75 -12.14 13.84
O4 SO4 C . 16.11 -9.83 13.38
CL CL D . 23.79 -27.43 -13.88
CL CL E . -1.90 -33.01 6.06
CL CL F . -34.62 17.25 -2.85
PA NAP G . 18.68 -22.32 -7.47
O1A NAP G . 17.56 -23.23 -7.71
O2A NAP G . 18.20 -21.03 -6.94
O5B NAP G . 19.52 -22.10 -8.84
C5B NAP G . 19.59 -20.87 -9.53
C4B NAP G . 19.24 -21.05 -11.01
O4B NAP G . 18.12 -20.25 -11.38
C3B NAP G . 20.38 -20.67 -11.95
O3B NAP G . 21.27 -21.74 -12.15
C2B NAP G . 19.65 -20.22 -13.21
O2B NAP G . 19.40 -21.29 -14.13
C1B NAP G . 18.34 -19.64 -12.65
N9A NAP G . 18.55 -18.18 -12.50
C8A NAP G . 18.87 -17.52 -11.35
N7A NAP G . 19.02 -16.21 -11.62
C5A NAP G . 18.80 -16.00 -12.93
C6A NAP G . 18.83 -14.86 -13.72
N6A NAP G . 19.11 -13.67 -13.17
N1A NAP G . 18.56 -14.95 -15.07
C2A NAP G . 18.28 -16.17 -15.65
N3A NAP G . 18.25 -17.31 -14.84
C4A NAP G . 18.51 -17.23 -13.51
O3 NAP G . 19.74 -22.98 -6.45
PN NAP G . 21.19 -22.50 -5.94
O1N NAP G . 22.13 -22.54 -7.08
O2N NAP G . 21.05 -21.20 -5.25
O5D NAP G . 21.56 -23.64 -4.85
C5D NAP G . 21.19 -23.55 -3.48
C4D NAP G . 20.65 -24.87 -2.95
O4D NAP G . 20.08 -24.72 -1.65
C3D NAP G . 19.56 -25.45 -3.85
O3D NAP G . 20.08 -26.50 -4.64
C2D NAP G . 18.45 -25.92 -2.92
O2D NAP G . 18.21 -27.32 -2.96
C1D NAP G . 18.87 -25.47 -1.51
N1N NAP G . 17.75 -24.72 -0.86
C2N NAP G . 17.73 -24.52 0.51
C3N NAP G . 16.67 -23.82 1.13
C7N NAP G . 16.31 -24.11 2.56
O7N NAP G . 14.99 -23.84 2.99
N7N NAP G . 17.20 -24.61 3.41
C4N NAP G . 15.65 -23.32 0.32
C5N NAP G . 15.67 -23.54 -1.05
C6N NAP G . 16.72 -24.23 -1.63
P2B NAP G . 19.92 -21.35 -15.66
O1X NAP G . 18.88 -22.09 -16.48
O2X NAP G . 20.14 -19.99 -16.25
O3X NAP G . 21.22 -22.11 -15.73
N1 MTX H . 11.96 -25.46 3.73
C2 MTX H . 11.75 -24.14 4.08
NA2 MTX H . 11.49 -23.83 5.35
N3 MTX H . 11.83 -23.15 3.13
C4 MTX H . 12.11 -23.45 1.82
NA4 MTX H . 12.70 -22.50 1.09
C4A MTX H . 12.31 -24.77 1.47
N5 MTX H . 12.59 -25.10 0.15
C6 MTX H . 12.79 -26.42 -0.23
C7 MTX H . 12.71 -27.43 0.74
N8 MTX H . 12.44 -27.10 2.05
C8A MTX H . 12.24 -25.78 2.42
C9 MTX H . 13.10 -26.71 -1.69
N10 MTX H . 12.94 -28.10 -2.11
CM MTX H . 14.14 -28.88 -2.43
C11 MTX H . 9.24 -30.04 -1.76
C12 MTX H . 10.42 -30.72 -1.46
C13 MTX H . 11.65 -30.07 -1.58
C14 MTX H . 11.68 -28.74 -2.01
C15 MTX H . 10.50 -28.08 -2.30
C16 MTX H . 9.29 -28.76 -2.29
C MTX H . 7.93 -30.76 -1.63
O MTX H . 7.93 -32.11 -1.19
N MTX H . 6.82 -30.08 -1.92
CA MTX H . 5.52 -30.33 -1.35
CT MTX H . 4.64 -29.12 -1.38
O1 MTX H . 5.12 -27.97 -1.29
O2 MTX H . 3.40 -29.28 -1.50
CB MTX H . 5.61 -30.74 0.11
CG MTX H . 4.56 -31.78 0.44
CD MTX H . 5.07 -32.52 1.65
OE1 MTX H . 6.14 -33.17 1.58
OE2 MTX H . 4.43 -32.46 2.72
N1 UMP I . -13.24 14.50 9.52
C2 UMP I . -11.91 14.12 9.28
N3 UMP I . -11.44 14.06 7.97
C4 UMP I . -12.27 14.38 6.89
C5 UMP I . -13.60 14.75 7.13
C6 UMP I . -14.07 14.80 8.44
O2 UMP I . -11.10 13.82 10.17
O4 UMP I . -11.84 14.32 5.74
C1' UMP I . -13.90 14.62 10.86
C2' UMP I . -12.98 15.00 12.02
C3' UMP I . -13.78 16.00 12.83
C4' UMP I . -14.83 16.55 11.90
O3' UMP I . -14.40 15.33 13.92
O4' UMP I . -14.90 15.64 10.80
C5' UMP I . -14.50 17.96 11.41
O5' UMP I . -15.63 18.80 11.38
P UMP I . -15.85 19.99 12.44
OP1 UMP I . -15.36 19.50 13.77
OP2 UMP I . -17.31 20.29 12.50
OP3 UMP I . -15.14 21.23 12.10
C1 EDO J . 5.53 -19.13 12.75
O1 EDO J . 5.14 -18.65 11.47
C2 EDO J . 4.41 -19.98 13.34
O2 EDO J . 3.91 -19.30 14.49
C1 EDO K . -6.95 -8.65 -2.46
O1 EDO K . -5.78 -7.99 -1.97
C2 EDO K . -8.15 -8.26 -1.61
O2 EDO K . -8.35 -9.20 -0.54
#